data_8XV4
#
_entry.id   8XV4
#
_cell.length_a   141.713
_cell.length_b   72.365
_cell.length_c   63.065
_cell.angle_alpha   90.00
_cell.angle_beta   108.05
_cell.angle_gamma   90.00
#
_symmetry.space_group_name_H-M   'C 1 2 1'
#
loop_
_entity.id
_entity.type
_entity.pdbx_description
1 polymer 'E3 ubiquitin-protein ligase UHRF1'
2 polymer 'Developmental pluripotency-associated protein 3'
3 non-polymer 'ZINC ION'
4 water water
#
loop_
_entity_poly.entity_id
_entity_poly.type
_entity_poly.pdbx_seq_one_letter_code
_entity_poly.pdbx_strand_id
1 'polypeptide(L)'
;GPLGSLYKVNEYVDARDTNMGAWFEAQVVRVTRKAPSRPALEEDVIYHVKYDDYPENGVVQMNSRDVRARARTIIKWQDL
EVGQVVMLNYNPDNPKERGFWYDAEISRKRETRTARELYANVVLGDDSLNDCRIIFVDEVFKIERPGEGSPMVDNPMRRK
SGPSCKHCKDDVNRLCRVCACHLCGGRQDPDKQLMCDECDMAFHIYCLDPPLSSVPSEDEWYCPECRND
;
A,B
2 'polypeptide(L)' KRRVRTLLSVLKDPIAKMRRLVRIEQRQKRLEGNE C,D
#
# COMPACT_ATOMS: atom_id res chain seq x y z
N LEU A 6 33.42 28.08 9.43
CA LEU A 6 31.95 27.94 9.58
C LEU A 6 31.33 27.43 8.28
N TYR A 7 30.21 26.73 8.40
CA TYR A 7 29.50 26.19 7.24
C TYR A 7 28.92 27.33 6.42
N LYS A 8 28.95 27.15 5.09
CA LYS A 8 28.64 28.21 4.13
C LYS A 8 27.15 28.19 3.82
N VAL A 9 26.70 29.24 3.11
CA VAL A 9 25.34 29.31 2.62
C VAL A 9 25.21 28.35 1.43
N ASN A 10 24.07 27.65 1.36
CA ASN A 10 23.79 26.65 0.34
C ASN A 10 24.43 25.30 0.67
N GLU A 11 25.25 25.23 1.72
CA GLU A 11 25.94 24.00 2.07
C GLU A 11 24.92 22.98 2.59
N TYR A 12 24.96 21.77 2.01
CA TYR A 12 24.16 20.66 2.50
C TYR A 12 24.73 20.18 3.83
N VAL A 13 23.84 19.97 4.81
CA VAL A 13 24.25 19.69 6.18
C VAL A 13 23.22 18.73 6.80
N ASP A 14 23.50 18.31 8.03
CA ASP A 14 22.51 17.63 8.86
C ASP A 14 22.08 18.58 9.99
N ALA A 15 20.82 18.41 10.43
CA ALA A 15 20.22 19.24 11.45
C ALA A 15 19.49 18.37 12.47
N ARG A 16 19.72 18.63 13.76
CA ARG A 16 19.27 17.73 14.82
C ARG A 16 17.98 18.23 15.45
N ASP A 17 16.92 17.41 15.38
CA ASP A 17 15.62 17.77 15.92
C ASP A 17 15.62 17.56 17.43
N THR A 18 15.80 18.63 18.22
CA THR A 18 16.13 18.51 19.64
C THR A 18 15.03 17.79 20.43
N ASN A 19 13.82 17.68 19.86
CA ASN A 19 12.72 16.97 20.52
C ASN A 19 12.96 15.46 20.50
N MET A 20 13.59 14.95 19.43
CA MET A 20 13.69 13.52 19.23
C MET A 20 15.13 13.03 19.05
N GLY A 21 16.10 13.94 18.91
CA GLY A 21 17.51 13.58 18.83
C GLY A 21 17.94 13.19 17.41
N ALA A 22 16.96 13.02 16.51
CA ALA A 22 17.22 12.52 15.17
C ALA A 22 17.85 13.63 14.32
N TRP A 23 18.69 13.20 13.37
CA TRP A 23 19.34 14.09 12.43
C TRP A 23 18.60 14.08 11.09
N PHE A 24 18.61 15.23 10.41
CA PHE A 24 17.85 15.40 9.18
C PHE A 24 18.66 16.17 8.15
N GLU A 25 18.61 15.66 6.91
CA GLU A 25 19.16 16.35 5.76
C GLU A 25 18.61 17.78 5.72
N ALA A 26 19.52 18.75 5.56
CA ALA A 26 19.13 20.15 5.53
C ALA A 26 20.09 20.93 4.64
N GLN A 27 19.70 22.18 4.36
CA GLN A 27 20.44 23.09 3.51
C GLN A 27 20.41 24.49 4.12
N VAL A 28 21.61 25.08 4.21
CA VAL A 28 21.80 26.35 4.89
C VAL A 28 21.31 27.47 4.00
N VAL A 29 20.44 28.33 4.55
CA VAL A 29 19.81 29.42 3.82
C VAL A 29 20.45 30.76 4.20
N ARG A 30 20.75 30.94 5.49
CA ARG A 30 21.43 32.14 5.96
C ARG A 30 22.21 31.83 7.23
N VAL A 31 23.21 32.67 7.48
CA VAL A 31 24.09 32.55 8.65
C VAL A 31 24.08 33.88 9.40
N THR A 32 23.59 33.87 10.65
CA THR A 32 23.55 35.09 11.45
C THR A 32 24.55 34.96 12.61
N ARG A 33 25.43 35.96 12.74
CA ARG A 33 26.52 35.92 13.70
C ARG A 33 26.19 36.85 14.87
N LYS A 34 25.69 36.27 15.97
CA LYS A 34 25.28 37.05 17.13
C LYS A 34 26.46 37.17 18.10
N ALA A 35 26.57 38.32 18.77
CA ALA A 35 27.72 38.61 19.63
C ALA A 35 27.55 37.93 20.98
N PRO A 36 28.65 37.64 21.72
CA PRO A 36 28.59 36.79 22.91
C PRO A 36 28.04 37.49 24.14
N SER A 37 27.47 36.71 25.07
CA SER A 37 26.88 37.24 26.29
C SER A 37 27.92 37.30 27.42
N ARG A 38 28.93 36.42 27.36
CA ARG A 38 29.89 36.27 28.44
C ARG A 38 31.30 36.51 27.92
N PRO A 39 32.22 37.04 28.74
CA PRO A 39 33.57 37.41 28.28
C PRO A 39 34.40 36.18 27.98
N ALA A 40 35.20 36.27 26.91
CA ALA A 40 36.07 35.19 26.46
C ALA A 40 35.26 34.08 25.79
N LEU A 41 33.98 34.35 25.51
CA LEU A 41 33.15 33.41 24.77
C LEU A 41 33.18 33.81 23.29
N GLU A 42 33.13 32.81 22.40
CA GLU A 42 33.17 33.06 20.97
C GLU A 42 31.78 33.52 20.52
N GLU A 43 31.72 34.23 19.38
CA GLU A 43 30.46 34.66 18.81
C GLU A 43 29.55 33.45 18.52
N ASP A 44 28.25 33.67 18.67
CA ASP A 44 27.26 32.61 18.49
C ASP A 44 26.75 32.65 17.05
N VAL A 45 27.12 31.60 16.28
CA VAL A 45 26.64 31.39 14.93
C VAL A 45 25.27 30.71 14.97
N ILE A 46 24.29 31.39 14.37
CA ILE A 46 22.95 30.86 14.19
C ILE A 46 22.78 30.53 12.71
N TYR A 47 22.35 29.29 12.44
CA TYR A 47 22.14 28.83 11.08
C TYR A 47 20.64 28.79 10.78
N HIS A 48 20.22 29.48 9.70
CA HIS A 48 18.85 29.36 9.24
C HIS A 48 18.85 28.29 8.16
N VAL A 49 17.98 27.29 8.29
CA VAL A 49 18.13 26.09 7.47
C VAL A 49 16.76 25.68 6.93
N LYS A 50 16.77 25.13 5.71
CA LYS A 50 15.59 24.49 5.16
C LYS A 50 15.84 22.98 5.08
N TYR A 51 14.79 22.20 5.34
CA TYR A 51 14.89 20.74 5.30
C TYR A 51 14.62 20.25 3.89
N ASP A 52 15.42 19.29 3.43
CA ASP A 52 15.30 18.77 2.08
C ASP A 52 13.91 18.16 1.88
N ASP A 53 13.48 17.34 2.85
CA ASP A 53 12.25 16.58 2.71
C ASP A 53 11.26 16.95 3.83
N TYR A 54 11.44 18.12 4.44
CA TYR A 54 10.44 18.69 5.33
C TYR A 54 10.36 20.20 5.07
N PRO A 55 10.06 20.63 3.82
CA PRO A 55 9.95 22.06 3.51
C PRO A 55 8.76 22.73 4.20
N GLU A 56 7.77 21.93 4.59
CA GLU A 56 6.59 22.41 5.30
C GLU A 56 7.01 23.12 6.59
N ASN A 57 8.07 22.60 7.24
CA ASN A 57 8.62 23.23 8.44
C ASN A 57 9.12 24.63 8.10
N GLY A 58 9.67 24.78 6.90
CA GLY A 58 10.13 26.05 6.40
C GLY A 58 11.60 26.26 6.79
N VAL A 59 12.01 27.52 6.88
CA VAL A 59 13.34 27.87 7.36
C VAL A 59 13.28 27.94 8.88
N VAL A 60 14.24 27.26 9.52
CA VAL A 60 14.30 27.19 10.97
C VAL A 60 15.65 27.72 11.43
N GLN A 61 15.62 28.43 12.58
CA GLN A 61 16.84 28.89 13.24
C GLN A 61 17.40 27.74 14.07
N MET A 62 18.72 27.54 13.97
CA MET A 62 19.38 26.42 14.61
C MET A 62 20.72 26.88 15.17
N ASN A 63 21.08 26.32 16.33
CA ASN A 63 22.35 26.56 16.99
C ASN A 63 23.42 25.68 16.35
N SER A 64 24.66 26.16 16.36
CA SER A 64 25.75 25.51 15.63
C SER A 64 26.07 24.11 16.18
N ARG A 65 25.56 23.78 17.37
CA ARG A 65 25.71 22.44 17.93
C ARG A 65 24.75 21.46 17.26
N ASP A 66 23.62 21.95 16.75
CA ASP A 66 22.60 21.08 16.18
C ASP A 66 22.79 20.92 14.67
N VAL A 67 23.93 21.39 14.15
CA VAL A 67 24.21 21.41 12.73
C VAL A 67 25.64 20.91 12.49
N ARG A 68 25.79 19.95 11.59
CA ARG A 68 27.10 19.45 11.19
C ARG A 68 27.05 18.98 9.74
N ALA A 69 28.24 19.02 9.09
CA ALA A 69 28.38 18.74 7.67
C ALA A 69 27.74 17.40 7.31
N ARG A 70 27.02 17.40 6.17
CA ARG A 70 26.21 16.27 5.75
C ARG A 70 27.04 14.99 5.79
N ALA A 71 26.40 13.88 6.22
CA ALA A 71 27.07 12.61 6.38
C ALA A 71 27.33 11.99 5.01
N ARG A 72 28.60 11.67 4.75
CA ARG A 72 29.07 11.31 3.42
C ARG A 72 29.63 9.89 3.41
N THR A 73 30.40 9.52 4.43
CA THR A 73 31.18 8.28 4.44
C THR A 73 30.48 7.19 5.27
N ILE A 74 30.32 6.01 4.65
CA ILE A 74 29.81 4.83 5.31
C ILE A 74 30.99 3.98 5.78
N ILE A 75 30.91 3.54 7.04
CA ILE A 75 31.85 2.59 7.62
C ILE A 75 31.32 1.19 7.38
N LYS A 76 32.19 0.29 6.91
CA LYS A 76 31.79 -1.05 6.50
C LYS A 76 31.68 -1.93 7.75
N TRP A 77 30.85 -2.98 7.64
CA TRP A 77 30.60 -3.92 8.72
C TRP A 77 31.90 -4.29 9.43
N GLN A 78 32.87 -4.79 8.65
CA GLN A 78 34.15 -5.28 9.14
C GLN A 78 34.96 -4.19 9.83
N ASP A 79 34.69 -2.93 9.50
CA ASP A 79 35.50 -1.81 9.99
C ASP A 79 34.92 -1.26 11.29
N LEU A 80 33.67 -1.62 11.62
CA LEU A 80 33.02 -1.13 12.83
C LEU A 80 33.66 -1.80 14.04
N GLU A 81 33.99 -1.00 15.05
CA GLU A 81 34.53 -1.52 16.31
C GLU A 81 33.75 -0.93 17.48
N VAL A 82 33.73 -1.67 18.59
CA VAL A 82 32.95 -1.30 19.76
C VAL A 82 33.58 -0.07 20.41
N GLY A 83 32.70 0.80 20.95
CA GLY A 83 33.12 2.06 21.54
C GLY A 83 32.96 3.24 20.57
N GLN A 84 32.83 2.94 19.27
CA GLN A 84 32.78 3.95 18.23
C GLN A 84 31.42 4.66 18.26
N VAL A 85 31.45 5.99 18.11
CA VAL A 85 30.24 6.79 18.01
C VAL A 85 29.97 7.07 16.53
N VAL A 86 28.78 6.66 16.06
CA VAL A 86 28.43 6.79 14.64
C VAL A 86 26.97 7.19 14.50
N MET A 87 26.56 7.56 13.28
CA MET A 87 25.17 7.84 12.97
C MET A 87 24.59 6.67 12.17
N LEU A 88 23.47 6.13 12.64
CA LEU A 88 22.84 4.96 12.05
C LEU A 88 21.33 5.06 12.20
N ASN A 89 20.62 4.19 11.46
CA ASN A 89 19.17 4.26 11.37
C ASN A 89 18.55 3.41 12.47
N TYR A 90 17.45 3.89 13.06
CA TYR A 90 16.73 3.12 14.06
C TYR A 90 15.30 3.64 14.15
N ASN A 91 14.38 2.74 14.52
CA ASN A 91 12.98 3.08 14.69
C ASN A 91 12.54 2.71 16.10
N PRO A 92 12.47 3.68 17.04
CA PRO A 92 11.94 3.41 18.38
C PRO A 92 10.49 2.90 18.46
N ASP A 93 9.72 3.05 17.38
CA ASP A 93 8.36 2.52 17.31
C ASP A 93 8.36 1.06 16.86
N ASN A 94 9.27 0.69 15.95
CA ASN A 94 9.28 -0.64 15.40
C ASN A 94 10.71 -1.00 14.98
N PRO A 95 11.55 -1.52 15.90
CA PRO A 95 12.98 -1.72 15.62
C PRO A 95 13.31 -2.61 14.42
N LYS A 96 12.35 -3.47 14.03
CA LYS A 96 12.49 -4.31 12.85
C LYS A 96 12.43 -3.46 11.58
N GLU A 97 11.56 -2.43 11.59
CA GLU A 97 11.36 -1.57 10.44
C GLU A 97 12.30 -0.38 10.48
N ARG A 98 12.42 0.29 9.32
CA ARG A 98 13.30 1.44 9.15
C ARG A 98 12.69 2.64 9.87
N GLY A 99 13.57 3.53 10.36
CA GLY A 99 13.14 4.72 11.09
C GLY A 99 14.01 5.93 10.76
N PHE A 100 14.52 6.60 11.79
CA PHE A 100 15.22 7.87 11.65
C PHE A 100 16.71 7.67 11.95
N TRP A 101 17.47 8.75 11.73
CA TRP A 101 18.92 8.73 11.80
C TRP A 101 19.42 9.29 13.13
N TYR A 102 20.07 8.41 13.91
CA TYR A 102 20.47 8.72 15.26
C TYR A 102 21.98 8.61 15.42
N ASP A 103 22.52 9.32 16.42
CA ASP A 103 23.88 9.11 16.88
C ASP A 103 23.86 8.04 17.97
N ALA A 104 24.83 7.13 17.90
CA ALA A 104 24.85 5.96 18.76
C ALA A 104 26.29 5.51 18.98
N GLU A 105 26.53 4.91 20.16
CA GLU A 105 27.83 4.33 20.49
C GLU A 105 27.72 2.81 20.38
N ILE A 106 28.54 2.21 19.50
CA ILE A 106 28.48 0.78 19.25
C ILE A 106 28.89 0.04 20.52
N SER A 107 28.05 -0.92 20.93
CA SER A 107 28.21 -1.61 22.21
C SER A 107 28.59 -3.07 21.98
N ARG A 108 27.85 -3.74 21.08
CA ARG A 108 28.08 -5.14 20.80
C ARG A 108 28.10 -5.36 19.29
N LYS A 109 29.01 -6.22 18.85
CA LYS A 109 29.12 -6.63 17.45
C LYS A 109 29.35 -8.14 17.43
N ARG A 110 28.64 -8.83 16.53
CA ARG A 110 28.59 -10.28 16.55
C ARG A 110 28.16 -10.80 15.18
N GLU A 111 28.70 -11.97 14.79
CA GLU A 111 28.38 -12.59 13.52
C GLU A 111 27.95 -14.04 13.76
N THR A 112 26.64 -14.29 13.71
CA THR A 112 26.10 -15.64 13.84
C THR A 112 26.10 -16.30 12.46
N ARG A 113 25.67 -17.57 12.43
CA ARG A 113 25.51 -18.33 11.19
C ARG A 113 24.32 -17.80 10.39
N THR A 114 23.30 -17.26 11.09
CA THR A 114 22.10 -16.76 10.46
C THR A 114 22.35 -15.38 9.85
N ALA A 115 22.75 -14.41 10.68
CA ALA A 115 22.96 -13.05 10.22
C ALA A 115 23.88 -12.27 11.15
N ARG A 116 24.36 -11.13 10.65
CA ARG A 116 25.27 -10.27 11.39
C ARG A 116 24.48 -9.34 12.30
N GLU A 117 24.91 -9.23 13.55
CA GLU A 117 24.17 -8.47 14.55
C GLU A 117 24.99 -7.27 15.01
N LEU A 118 24.33 -6.11 15.13
CA LEU A 118 24.96 -4.92 15.66
C LEU A 118 24.08 -4.37 16.78
N TYR A 119 24.72 -3.94 17.88
CA TYR A 119 24.02 -3.28 18.96
C TYR A 119 24.74 -1.99 19.32
N ALA A 120 23.96 -0.95 19.63
CA ALA A 120 24.52 0.33 20.00
C ALA A 120 23.60 1.07 20.97
N ASN A 121 24.21 1.98 21.75
CA ASN A 121 23.48 2.90 22.60
C ASN A 121 23.10 4.13 21.78
N VAL A 122 21.78 4.30 21.60
CA VAL A 122 21.22 5.25 20.65
C VAL A 122 20.76 6.49 21.41
N VAL A 123 21.28 7.66 21.03
CA VAL A 123 20.93 8.89 21.71
C VAL A 123 19.63 9.44 21.11
N LEU A 124 18.65 9.72 21.99
CA LEU A 124 17.35 10.24 21.54
C LEU A 124 17.21 11.67 22.04
N GLY A 125 15.97 12.17 22.16
CA GLY A 125 15.74 13.51 22.67
C GLY A 125 16.15 13.60 24.15
N ASP A 126 15.61 12.67 24.93
CA ASP A 126 15.82 12.64 26.38
C ASP A 126 17.27 12.29 26.69
N ASP A 127 17.65 11.05 26.37
CA ASP A 127 18.87 10.43 26.88
C ASP A 127 19.25 9.31 25.91
N SER A 128 20.06 8.35 26.38
CA SER A 128 20.43 7.20 25.58
C SER A 128 19.31 6.16 25.56
N LEU A 129 19.53 5.13 24.76
CA LEU A 129 18.75 3.90 24.75
C LEU A 129 19.74 2.78 24.50
N ASN A 130 19.90 1.89 25.50
CA ASN A 130 21.12 1.12 25.66
C ASN A 130 21.01 -0.24 24.97
N ASP A 131 22.00 -0.51 24.12
CA ASP A 131 22.20 -1.83 23.54
C ASP A 131 21.00 -2.18 22.66
N CYS A 132 20.67 -1.25 21.77
CA CYS A 132 19.57 -1.45 20.83
C CYS A 132 20.04 -2.32 19.68
N ARG A 133 19.14 -3.17 19.18
CA ARG A 133 19.39 -4.06 18.07
C ARG A 133 19.30 -3.29 16.75
N ILE A 134 20.47 -2.97 16.16
CA ILE A 134 20.53 -2.21 14.92
C ILE A 134 20.53 -3.16 13.74
N ILE A 135 19.71 -2.84 12.74
CA ILE A 135 19.38 -3.79 11.68
C ILE A 135 19.93 -3.33 10.34
N PHE A 136 20.06 -2.01 10.14
CA PHE A 136 20.64 -1.46 8.93
C PHE A 136 22.14 -1.34 9.17
N VAL A 137 22.82 -2.48 9.00
CA VAL A 137 24.18 -2.70 9.48
C VAL A 137 25.20 -2.22 8.46
N ASP A 138 24.74 -1.97 7.23
CA ASP A 138 25.61 -1.54 6.14
C ASP A 138 25.51 -0.03 5.95
N GLU A 139 24.52 0.59 6.60
CA GLU A 139 24.29 2.02 6.47
C GLU A 139 24.70 2.72 7.76
N VAL A 140 25.97 2.56 8.13
CA VAL A 140 26.50 3.18 9.34
C VAL A 140 27.45 4.31 8.91
N PHE A 141 27.13 5.55 9.30
CA PHE A 141 27.81 6.72 8.77
C PHE A 141 28.86 7.21 9.76
N LYS A 142 30.05 7.54 9.22
CA LYS A 142 31.05 8.28 9.98
C LYS A 142 30.53 9.70 10.18
N ILE A 143 30.56 10.18 11.43
CA ILE A 143 30.15 11.52 11.76
C ILE A 143 31.24 12.51 11.35
N GLU A 144 30.89 13.46 10.48
CA GLU A 144 31.85 14.42 9.95
C GLU A 144 32.30 15.36 11.06
N ARG A 145 33.60 15.30 11.37
CA ARG A 145 34.16 16.03 12.49
C ARG A 145 34.43 17.47 12.07
N PRO A 146 34.08 18.48 12.91
CA PRO A 146 34.47 19.87 12.65
C PRO A 146 35.94 20.01 12.27
N GLY A 147 36.21 20.88 11.30
CA GLY A 147 37.57 21.12 10.83
C GLY A 147 37.88 20.28 9.59
N GLU A 148 37.86 18.95 9.76
CA GLU A 148 38.20 18.03 8.70
C GLU A 148 37.01 17.91 7.73
N GLY A 149 37.32 17.53 6.48
CA GLY A 149 36.30 17.31 5.46
C GLY A 149 36.50 18.26 4.28
N SER A 150 35.38 18.53 3.58
CA SER A 150 35.39 19.39 2.39
C SER A 150 33.95 19.75 2.03
N PRO A 151 33.58 21.04 1.94
CA PRO A 151 32.18 21.44 1.72
C PRO A 151 31.45 20.60 0.68
N MET A 152 30.17 20.30 0.97
CA MET A 152 29.37 19.34 0.23
C MET A 152 28.56 20.01 -0.89
N VAL A 153 28.93 21.24 -1.25
CA VAL A 153 28.15 22.03 -2.20
C VAL A 153 27.80 21.17 -3.43
N ASN A 155 26.49 17.52 -4.99
CA ASN A 155 26.76 16.06 -4.84
C ASN A 155 26.07 15.53 -3.57
N PRO A 156 24.78 15.82 -3.33
CA PRO A 156 24.15 15.47 -2.05
C PRO A 156 24.16 13.96 -1.79
N MET A 157 24.71 13.57 -0.63
CA MET A 157 24.64 12.18 -0.18
C MET A 157 23.31 12.01 0.57
N ARG A 158 22.27 11.68 -0.17
CA ARG A 158 20.97 11.43 0.42
C ARG A 158 21.01 10.08 1.14
N ARG A 159 20.05 9.90 2.05
CA ARG A 159 19.89 8.68 2.82
C ARG A 159 18.44 8.24 2.73
N LYS A 160 18.23 6.92 2.73
CA LYS A 160 16.89 6.37 2.81
C LYS A 160 16.38 6.58 4.24
N SER A 161 15.25 7.30 4.37
CA SER A 161 14.70 7.63 5.67
C SER A 161 13.39 6.89 5.90
N GLY A 162 12.94 6.84 7.16
CA GLY A 162 11.84 6.00 7.60
C GLY A 162 10.53 6.31 6.89
N PRO A 163 9.94 7.52 7.09
CA PRO A 163 8.62 7.83 6.55
C PRO A 163 8.63 8.26 5.08
N SER A 164 8.67 7.27 4.19
CA SER A 164 8.50 7.51 2.77
C SER A 164 7.27 6.75 2.27
N CYS A 165 6.67 7.27 1.19
CA CYS A 165 5.51 6.64 0.60
C CYS A 165 5.98 5.67 -0.49
N LYS A 166 5.45 4.44 -0.39
CA LYS A 166 5.82 3.31 -1.24
C LYS A 166 5.53 3.59 -2.71
N HIS A 167 4.53 4.44 -2.94
CA HIS A 167 3.87 4.54 -4.22
C HIS A 167 4.37 5.75 -5.01
N CYS A 168 4.61 6.88 -4.30
CA CYS A 168 5.10 8.07 -4.98
C CYS A 168 6.54 8.38 -4.57
N LYS A 169 7.14 7.55 -3.72
CA LYS A 169 8.49 7.78 -3.24
C LYS A 169 8.68 9.21 -2.69
N ASP A 170 7.59 9.87 -2.27
CA ASP A 170 7.59 11.24 -1.79
C ASP A 170 8.01 12.26 -2.86
N ASP A 171 7.88 11.89 -4.14
CA ASP A 171 8.27 12.77 -5.23
C ASP A 171 7.22 13.86 -5.39
N VAL A 172 7.64 15.12 -5.21
CA VAL A 172 6.72 16.25 -5.11
C VAL A 172 6.14 16.58 -6.49
N ASN A 173 6.77 16.06 -7.56
CA ASN A 173 6.31 16.29 -8.92
C ASN A 173 5.44 15.13 -9.42
N ARG A 174 4.94 14.30 -8.49
CA ARG A 174 3.93 13.30 -8.82
C ARG A 174 2.69 13.55 -7.97
N LEU A 175 1.52 13.32 -8.57
CA LEU A 175 0.28 13.27 -7.83
C LEU A 175 0.23 11.97 -7.04
N CYS A 176 -0.49 11.98 -5.91
CA CYS A 176 -0.67 10.75 -5.14
C CYS A 176 -1.90 10.84 -4.25
N ARG A 177 -2.78 9.84 -4.38
CA ARG A 177 -4.03 9.79 -3.62
C ARG A 177 -3.86 8.94 -2.36
N VAL A 178 -2.61 8.75 -1.92
CA VAL A 178 -2.30 8.12 -0.65
C VAL A 178 -1.67 9.17 0.27
N CYS A 179 -0.47 9.63 -0.09
CA CYS A 179 0.19 10.74 0.56
C CYS A 179 -0.80 11.90 0.73
N ALA A 180 -1.29 12.40 -0.40
CA ALA A 180 -1.92 13.72 -0.45
C ALA A 180 -3.44 13.57 -0.56
N CYS A 181 -4.10 14.61 -1.08
CA CYS A 181 -5.55 14.61 -1.26
C CYS A 181 -5.95 13.34 -1.99
N HIS A 182 -6.96 12.67 -1.44
CA HIS A 182 -7.37 11.34 -1.86
C HIS A 182 -8.11 11.41 -3.20
N LEU A 183 -8.51 12.61 -3.60
CA LEU A 183 -9.39 12.79 -4.75
C LEU A 183 -8.59 13.23 -5.98
N CYS A 184 -7.85 14.35 -5.84
CA CYS A 184 -7.05 14.87 -6.93
C CYS A 184 -5.60 14.40 -6.83
N GLY A 185 -5.16 14.01 -5.63
CA GLY A 185 -3.79 13.56 -5.44
C GLY A 185 -2.81 14.72 -5.44
N GLY A 186 -3.29 15.93 -5.07
CA GLY A 186 -2.52 17.14 -5.14
C GLY A 186 -1.95 17.53 -3.77
N ARG A 187 -0.73 18.07 -3.76
CA ARG A 187 0.01 18.36 -2.54
C ARG A 187 -0.08 19.85 -2.17
N GLN A 188 -0.91 20.62 -2.90
CA GLN A 188 -0.94 22.06 -2.74
C GLN A 188 -2.01 22.43 -1.70
N ASP A 189 -1.79 23.56 -1.02
CA ASP A 189 -2.65 24.05 0.04
C ASP A 189 -2.87 22.95 1.08
N PRO A 190 -1.81 22.30 1.61
CA PRO A 190 -1.97 21.25 2.61
C PRO A 190 -2.66 21.71 3.89
N ASP A 191 -2.59 23.02 4.17
CA ASP A 191 -3.30 23.62 5.29
C ASP A 191 -4.81 23.47 5.09
N LYS A 192 -5.26 23.46 3.83
CA LYS A 192 -6.67 23.30 3.53
C LYS A 192 -6.93 21.88 3.04
N GLN A 193 -6.39 20.90 3.78
CA GLN A 193 -6.64 19.50 3.50
C GLN A 193 -7.02 18.80 4.81
N LEU A 194 -8.30 18.48 4.95
CA LEU A 194 -8.81 17.82 6.14
C LEU A 194 -8.32 16.39 6.18
N MET A 195 -8.06 15.92 7.41
CA MET A 195 -7.54 14.59 7.70
C MET A 195 -8.63 13.76 8.36
N CYS A 196 -9.11 12.74 7.64
CA CYS A 196 -10.14 11.86 8.17
C CYS A 196 -9.66 11.29 9.50
N ASP A 197 -10.50 11.33 10.54
CA ASP A 197 -10.09 10.90 11.86
C ASP A 197 -10.31 9.39 12.04
N GLU A 198 -10.64 8.69 10.94
CA GLU A 198 -10.85 7.25 10.93
C GLU A 198 -9.83 6.58 10.01
N CYS A 199 -9.83 6.95 8.71
CA CYS A 199 -8.99 6.28 7.74
C CYS A 199 -7.69 7.07 7.50
N ASP A 200 -7.58 8.26 8.09
CA ASP A 200 -6.37 9.09 8.02
C ASP A 200 -6.05 9.49 6.58
N MET A 201 -7.10 9.65 5.76
CA MET A 201 -6.95 10.11 4.39
C MET A 201 -7.15 11.62 4.36
N ALA A 202 -6.48 12.27 3.40
CA ALA A 202 -6.48 13.72 3.27
C ALA A 202 -7.45 14.15 2.17
N PHE A 203 -8.09 15.31 2.37
CA PHE A 203 -9.04 15.85 1.41
C PHE A 203 -8.98 17.38 1.36
N HIS A 204 -8.65 17.93 0.19
CA HIS A 204 -8.87 19.36 -0.05
C HIS A 204 -10.32 19.70 0.27
N ILE A 205 -10.53 20.87 0.88
CA ILE A 205 -11.86 21.38 1.19
C ILE A 205 -12.64 21.63 -0.10
N TYR A 206 -11.92 22.00 -1.17
CA TYR A 206 -12.56 22.35 -2.43
C TYR A 206 -12.83 21.09 -3.26
N CYS A 207 -12.09 20.01 -3.00
CA CYS A 207 -12.31 18.75 -3.72
C CYS A 207 -13.47 17.97 -3.12
N LEU A 208 -13.90 18.35 -1.92
CA LEU A 208 -15.11 17.77 -1.34
C LEU A 208 -16.32 18.29 -2.12
N ASP A 209 -17.35 17.43 -2.21
CA ASP A 209 -18.58 17.75 -2.91
C ASP A 209 -19.76 17.45 -1.98
N PRO A 210 -20.39 18.47 -1.36
CA PRO A 210 -20.09 19.88 -1.63
C PRO A 210 -18.78 20.36 -0.99
N PRO A 211 -18.10 21.35 -1.61
CA PRO A 211 -16.86 21.89 -1.06
C PRO A 211 -17.09 22.71 0.22
N LEU A 212 -15.99 23.04 0.90
CA LEU A 212 -16.02 23.99 2.00
C LEU A 212 -15.09 25.15 1.65
N SER A 213 -15.38 26.31 2.25
CA SER A 213 -14.64 27.54 1.97
C SER A 213 -13.44 27.67 2.91
N SER A 214 -13.54 27.06 4.10
CA SER A 214 -12.43 27.04 5.05
C SER A 214 -12.56 25.82 5.96
N VAL A 215 -11.51 25.61 6.78
CA VAL A 215 -11.36 24.41 7.58
C VAL A 215 -12.36 24.42 8.74
N PRO A 216 -13.18 23.35 8.91
CA PRO A 216 -14.15 23.29 10.02
C PRO A 216 -13.55 23.39 11.41
N SER A 217 -14.22 24.12 12.30
CA SER A 217 -13.88 24.16 13.72
C SER A 217 -14.84 23.26 14.50
N GLU A 218 -14.70 21.95 14.31
CA GLU A 218 -15.29 20.94 15.17
C GLU A 218 -14.19 19.98 15.63
N ASP A 219 -14.54 19.07 16.54
CA ASP A 219 -13.57 18.17 17.16
C ASP A 219 -13.08 17.17 16.11
N GLU A 220 -13.90 16.16 15.81
CA GLU A 220 -13.53 15.12 14.85
C GLU A 220 -14.07 15.50 13.47
N TRP A 221 -13.46 14.93 12.42
CA TRP A 221 -14.02 14.97 11.09
C TRP A 221 -13.81 13.64 10.40
N TYR A 222 -14.86 13.14 9.75
CA TYR A 222 -14.80 11.90 8.99
C TYR A 222 -15.06 12.23 7.53
N CYS A 223 -14.57 11.36 6.64
CA CYS A 223 -14.80 11.50 5.21
C CYS A 223 -16.16 10.90 4.88
N PRO A 224 -16.68 11.08 3.64
CA PRO A 224 -17.93 10.44 3.21
C PRO A 224 -18.01 8.93 3.43
N GLU A 225 -16.99 8.21 2.96
CA GLU A 225 -16.90 6.77 3.11
C GLU A 225 -17.12 6.37 4.57
N CYS A 226 -16.50 7.13 5.48
CA CYS A 226 -16.60 6.89 6.92
C CYS A 226 -17.85 7.55 7.50
N ARG A 227 -18.89 7.69 6.68
CA ARG A 227 -20.20 8.17 7.11
C ARG A 227 -20.10 9.63 7.58
N ASN A 228 -19.72 10.52 6.67
CA ASN A 228 -19.76 11.97 6.91
C ASN A 228 -19.53 12.71 5.58
N LEU B 6 -35.56 -21.71 -15.10
CA LEU B 6 -34.62 -21.20 -16.14
C LEU B 6 -34.40 -19.70 -15.91
N TYR B 7 -33.13 -19.30 -15.79
CA TYR B 7 -32.78 -17.99 -15.29
C TYR B 7 -33.12 -16.94 -16.35
N LYS B 8 -33.61 -15.79 -15.87
CA LYS B 8 -34.15 -14.75 -16.74
C LYS B 8 -33.05 -13.78 -17.16
N VAL B 9 -33.39 -12.91 -18.12
CA VAL B 9 -32.51 -11.84 -18.53
C VAL B 9 -32.53 -10.78 -17.42
N ASN B 10 -31.35 -10.20 -17.15
CA ASN B 10 -31.16 -9.20 -16.10
C ASN B 10 -30.99 -9.85 -14.72
N GLU B 11 -31.21 -11.17 -14.62
CA GLU B 11 -31.11 -11.85 -13.34
C GLU B 11 -29.65 -11.88 -12.89
N TYR B 12 -29.41 -11.42 -11.66
CA TYR B 12 -28.09 -11.49 -11.05
C TYR B 12 -27.81 -12.96 -10.70
N VAL B 13 -26.60 -13.43 -11.02
CA VAL B 13 -26.25 -14.83 -10.92
C VAL B 13 -24.79 -14.95 -10.50
N ASP B 14 -24.35 -16.19 -10.26
CA ASP B 14 -22.94 -16.51 -10.12
C ASP B 14 -22.47 -17.27 -11.36
N ALA B 15 -21.19 -17.13 -11.69
CA ALA B 15 -20.60 -17.74 -12.87
C ALA B 15 -19.25 -18.35 -12.50
N ARG B 16 -19.03 -19.61 -12.92
CA ARG B 16 -17.90 -20.39 -12.44
C ARG B 16 -16.76 -20.36 -13.46
N ASP B 17 -15.59 -19.88 -13.02
CA ASP B 17 -14.42 -19.75 -13.88
C ASP B 17 -13.76 -21.11 -14.07
N THR B 18 -14.00 -21.75 -15.23
CA THR B 18 -13.63 -23.13 -15.51
C THR B 18 -12.16 -23.43 -15.23
N ASN B 19 -11.29 -22.41 -15.28
CA ASN B 19 -9.86 -22.59 -15.08
C ASN B 19 -9.56 -22.86 -13.61
N MET B 20 -10.32 -22.23 -12.69
CA MET B 20 -9.94 -22.18 -11.29
C MET B 20 -11.04 -22.66 -10.35
N GLY B 21 -12.26 -22.87 -10.85
CA GLY B 21 -13.35 -23.42 -10.05
C GLY B 21 -14.09 -22.35 -9.24
N ALA B 22 -13.55 -21.12 -9.22
CA ALA B 22 -14.09 -20.07 -8.38
C ALA B 22 -15.36 -19.50 -9.02
N TRP B 23 -16.27 -19.01 -8.16
CA TRP B 23 -17.53 -18.42 -8.59
C TRP B 23 -17.45 -16.90 -8.56
N PHE B 24 -18.16 -16.24 -9.47
CA PHE B 24 -18.07 -14.79 -9.63
C PHE B 24 -19.45 -14.18 -9.91
N GLU B 25 -19.72 -13.05 -9.24
CA GLU B 25 -20.91 -12.27 -9.46
C GLU B 25 -21.03 -11.94 -10.94
N ALA B 26 -22.23 -12.17 -11.50
CA ALA B 26 -22.49 -11.89 -12.90
C ALA B 26 -23.96 -11.53 -13.10
N GLN B 27 -24.28 -11.06 -14.31
CA GLN B 27 -25.62 -10.64 -14.68
C GLN B 27 -25.91 -11.12 -16.09
N VAL B 28 -27.08 -11.75 -16.26
CA VAL B 28 -27.49 -12.36 -17.51
C VAL B 28 -27.91 -11.26 -18.48
N VAL B 29 -27.34 -11.31 -19.68
CA VAL B 29 -27.57 -10.32 -20.73
C VAL B 29 -28.47 -10.91 -21.81
N ARG B 30 -28.24 -12.18 -22.17
CA ARG B 30 -29.06 -12.86 -23.16
C ARG B 30 -29.07 -14.36 -22.88
N VAL B 31 -30.12 -15.02 -23.37
CA VAL B 31 -30.33 -16.46 -23.20
C VAL B 31 -30.58 -17.07 -24.58
N THR B 32 -29.71 -18.01 -24.99
CA THR B 32 -29.95 -18.74 -26.24
C THR B 32 -30.26 -20.20 -25.91
N ARG B 33 -31.43 -20.68 -26.36
CA ARG B 33 -31.92 -22.01 -26.01
C ARG B 33 -31.77 -22.94 -27.19
N LYS B 34 -30.70 -23.75 -27.20
CA LYS B 34 -30.43 -24.66 -28.31
C LYS B 34 -31.10 -26.00 -28.05
N ALA B 35 -31.54 -26.63 -29.15
CA ALA B 35 -32.23 -27.92 -29.11
C ALA B 35 -31.21 -29.04 -28.87
N PRO B 36 -31.65 -30.19 -28.30
CA PRO B 36 -30.72 -31.22 -27.84
C PRO B 36 -30.16 -32.09 -28.97
N SER B 37 -29.01 -32.72 -28.70
CA SER B 37 -28.31 -33.56 -29.67
C SER B 37 -28.80 -35.01 -29.60
N ARG B 38 -29.28 -35.44 -28.42
CA ARG B 38 -29.73 -36.80 -28.23
C ARG B 38 -31.19 -36.80 -27.77
N PRO B 39 -31.98 -37.84 -28.11
CA PRO B 39 -33.41 -37.85 -27.78
C PRO B 39 -33.63 -38.05 -26.28
N ALA B 40 -34.62 -37.32 -25.74
CA ALA B 40 -34.97 -37.38 -24.33
C ALA B 40 -33.93 -36.63 -23.48
N LEU B 41 -33.06 -35.85 -24.14
CA LEU B 41 -32.14 -34.97 -23.44
C LEU B 41 -32.78 -33.59 -23.35
N GLU B 42 -32.45 -32.85 -22.29
CA GLU B 42 -33.02 -31.53 -22.06
C GLU B 42 -32.33 -30.52 -22.95
N GLU B 43 -33.02 -29.40 -23.23
CA GLU B 43 -32.51 -28.37 -24.11
C GLU B 43 -31.23 -27.78 -23.52
N ASP B 44 -30.31 -27.34 -24.40
CA ASP B 44 -29.05 -26.75 -23.98
C ASP B 44 -29.19 -25.23 -23.91
N VAL B 45 -29.24 -24.71 -22.67
CA VAL B 45 -29.37 -23.28 -22.45
C VAL B 45 -27.98 -22.68 -22.39
N ILE B 46 -27.71 -21.71 -23.27
CA ILE B 46 -26.48 -20.94 -23.25
C ILE B 46 -26.78 -19.53 -22.73
N TYR B 47 -26.04 -19.13 -21.69
CA TYR B 47 -26.27 -17.84 -21.03
C TYR B 47 -25.14 -16.89 -21.39
N HIS B 48 -25.48 -15.71 -21.91
CA HIS B 48 -24.50 -14.66 -22.14
C HIS B 48 -24.52 -13.76 -20.91
N VAL B 49 -23.36 -13.51 -20.30
CA VAL B 49 -23.31 -12.87 -19.00
C VAL B 49 -22.27 -11.76 -19.00
N LYS B 50 -22.56 -10.69 -18.24
CA LYS B 50 -21.59 -9.65 -17.95
C LYS B 50 -21.20 -9.72 -16.48
N TYR B 51 -19.93 -9.44 -16.18
CA TYR B 51 -19.45 -9.49 -14.81
C TYR B 51 -19.60 -8.11 -14.18
N ASP B 52 -20.07 -8.11 -12.93
CA ASP B 52 -20.33 -6.87 -12.20
C ASP B 52 -19.01 -6.11 -12.05
N ASP B 53 -17.95 -6.82 -11.63
CA ASP B 53 -16.68 -6.20 -11.28
C ASP B 53 -15.54 -6.73 -12.18
N TYR B 54 -15.91 -7.30 -13.32
CA TYR B 54 -14.94 -7.62 -14.36
C TYR B 54 -15.54 -7.27 -15.72
N PRO B 55 -15.90 -5.98 -15.95
CA PRO B 55 -16.47 -5.55 -17.22
C PRO B 55 -15.49 -5.67 -18.39
N GLU B 56 -14.19 -5.67 -18.07
CA GLU B 56 -13.12 -5.83 -19.05
C GLU B 56 -13.32 -7.12 -19.85
N ASN B 57 -13.80 -8.17 -19.17
CA ASN B 57 -14.09 -9.45 -19.82
C ASN B 57 -15.18 -9.23 -20.88
N GLY B 58 -16.14 -8.36 -20.55
CA GLY B 58 -17.28 -8.10 -21.41
C GLY B 58 -18.38 -9.14 -21.21
N VAL B 59 -19.20 -9.34 -22.25
CA VAL B 59 -20.24 -10.37 -22.23
C VAL B 59 -19.62 -11.69 -22.69
N VAL B 60 -19.84 -12.76 -21.91
CA VAL B 60 -19.26 -14.06 -22.21
C VAL B 60 -20.37 -15.09 -22.29
N GLN B 61 -20.21 -16.06 -23.20
CA GLN B 61 -21.14 -17.16 -23.36
C GLN B 61 -20.76 -18.27 -22.37
N MET B 62 -21.75 -18.84 -21.67
CA MET B 62 -21.51 -19.83 -20.65
C MET B 62 -22.62 -20.88 -20.60
N ASN B 63 -22.24 -22.08 -20.17
CA ASN B 63 -23.11 -23.24 -20.10
C ASN B 63 -23.88 -23.21 -18.77
N SER B 64 -25.09 -23.78 -18.78
CA SER B 64 -26.02 -23.69 -17.67
C SER B 64 -25.49 -24.37 -16.41
N ARG B 65 -24.47 -25.21 -16.55
CA ARG B 65 -23.84 -25.85 -15.39
C ARG B 65 -22.91 -24.87 -14.67
N ASP B 66 -22.38 -23.87 -15.39
CA ASP B 66 -21.40 -22.96 -14.82
C ASP B 66 -22.08 -21.71 -14.27
N VAL B 67 -23.43 -21.74 -14.21
CA VAL B 67 -24.23 -20.58 -13.84
C VAL B 67 -25.32 -21.02 -12.87
N ARG B 68 -25.44 -20.30 -11.75
CA ARG B 68 -26.52 -20.57 -10.80
C ARG B 68 -26.91 -19.27 -10.08
N ALA B 69 -28.16 -19.23 -9.62
CA ALA B 69 -28.75 -18.05 -9.01
C ALA B 69 -27.85 -17.48 -7.91
N ARG B 70 -27.70 -16.15 -7.89
CA ARG B 70 -26.75 -15.47 -7.03
C ARG B 70 -26.95 -15.92 -5.60
N ALA B 71 -25.84 -16.03 -4.87
CA ALA B 71 -25.84 -16.48 -3.48
C ALA B 71 -26.43 -15.39 -2.58
N ARG B 72 -27.47 -15.77 -1.82
CA ARG B 72 -28.34 -14.83 -1.14
C ARG B 72 -28.25 -15.00 0.39
N THR B 73 -28.28 -16.27 0.84
CA THR B 73 -28.43 -16.60 2.24
C THR B 73 -27.09 -17.02 2.84
N ILE B 74 -26.75 -16.42 3.99
CA ILE B 74 -25.59 -16.81 4.78
C ILE B 74 -26.05 -17.77 5.89
N ILE B 75 -25.32 -18.88 6.02
CA ILE B 75 -25.51 -19.84 7.10
C ILE B 75 -24.61 -19.44 8.26
N LYS B 76 -25.19 -19.44 9.46
CA LYS B 76 -24.51 -18.95 10.66
C LYS B 76 -23.61 -20.06 11.19
N TRP B 77 -22.56 -19.66 11.91
CA TRP B 77 -21.60 -20.57 12.49
C TRP B 77 -22.27 -21.79 13.13
N GLN B 78 -23.22 -21.52 14.05
CA GLN B 78 -23.85 -22.59 14.82
C GLN B 78 -24.76 -23.46 13.96
N ASP B 79 -25.13 -22.98 12.75
CA ASP B 79 -26.03 -23.71 11.87
C ASP B 79 -25.25 -24.63 10.93
N LEU B 80 -23.94 -24.39 10.78
CA LEU B 80 -23.11 -25.17 9.87
C LEU B 80 -22.92 -26.57 10.44
N GLU B 81 -23.13 -27.58 9.58
CA GLU B 81 -23.06 -28.97 9.99
C GLU B 81 -22.19 -29.73 9.00
N VAL B 82 -21.50 -30.76 9.47
CA VAL B 82 -20.50 -31.47 8.68
C VAL B 82 -21.23 -32.27 7.59
N GLY B 83 -20.61 -32.35 6.42
CA GLY B 83 -21.19 -33.01 5.26
C GLY B 83 -21.84 -32.01 4.30
N GLN B 84 -22.13 -30.80 4.78
CA GLN B 84 -22.84 -29.79 4.01
C GLN B 84 -21.92 -29.24 2.91
N VAL B 85 -22.49 -29.06 1.71
CA VAL B 85 -21.80 -28.42 0.60
C VAL B 85 -22.25 -26.96 0.54
N VAL B 86 -21.29 -26.03 0.63
CA VAL B 86 -21.60 -24.61 0.69
C VAL B 86 -20.56 -23.84 -0.11
N MET B 87 -20.82 -22.54 -0.35
CA MET B 87 -19.86 -21.67 -1.01
C MET B 87 -19.25 -20.72 0.02
N LEU B 88 -17.92 -20.71 0.08
CA LEU B 88 -17.16 -19.95 1.07
C LEU B 88 -15.85 -19.46 0.47
N ASN B 89 -15.20 -18.53 1.17
CA ASN B 89 -14.03 -17.86 0.63
C ASN B 89 -12.77 -18.64 1.01
N TYR B 90 -11.81 -18.70 0.08
CA TYR B 90 -10.53 -19.32 0.37
C TYR B 90 -9.47 -18.78 -0.59
N ASN B 91 -8.21 -18.78 -0.14
CA ASN B 91 -7.09 -18.35 -0.95
C ASN B 91 -6.05 -19.47 -1.03
N PRO B 92 -6.01 -20.26 -2.12
CA PRO B 92 -4.97 -21.27 -2.31
C PRO B 92 -3.52 -20.78 -2.32
N ASP B 93 -3.31 -19.46 -2.52
CA ASP B 93 -1.99 -18.87 -2.49
C ASP B 93 -1.59 -18.49 -1.07
N ASN B 94 -2.56 -18.06 -0.25
CA ASN B 94 -2.26 -17.62 1.10
C ASN B 94 -3.49 -17.85 1.99
N PRO B 95 -3.65 -19.06 2.56
CA PRO B 95 -4.89 -19.40 3.29
C PRO B 95 -5.27 -18.48 4.45
N LYS B 96 -4.29 -17.77 5.00
CA LYS B 96 -4.52 -16.78 6.04
C LYS B 96 -5.26 -15.56 5.46
N GLU B 97 -4.92 -15.19 4.23
CA GLU B 97 -5.50 -14.01 3.59
C GLU B 97 -6.76 -14.40 2.81
N ARG B 98 -7.56 -13.36 2.49
CA ARG B 98 -8.79 -13.52 1.73
C ARG B 98 -8.47 -13.85 0.28
N GLY B 99 -9.37 -14.63 -0.35
CA GLY B 99 -9.19 -15.06 -1.73
C GLY B 99 -10.52 -15.06 -2.48
N PHE B 100 -10.82 -16.19 -3.13
CA PHE B 100 -11.95 -16.30 -4.05
C PHE B 100 -13.02 -17.20 -3.43
N TRP B 101 -14.16 -17.28 -4.14
CA TRP B 101 -15.35 -17.94 -3.65
C TRP B 101 -15.49 -19.33 -4.25
N TYR B 102 -15.42 -20.34 -3.38
CA TYR B 102 -15.36 -21.72 -3.81
C TYR B 102 -16.53 -22.51 -3.22
N ASP B 103 -16.87 -23.62 -3.89
CA ASP B 103 -17.76 -24.62 -3.34
C ASP B 103 -16.93 -25.63 -2.56
N ALA B 104 -17.42 -26.00 -1.38
CA ALA B 104 -16.67 -26.83 -0.46
C ALA B 104 -17.63 -27.65 0.39
N GLU B 105 -17.17 -28.84 0.78
CA GLU B 105 -17.90 -29.73 1.66
C GLU B 105 -17.30 -29.65 3.06
N ILE B 106 -18.11 -29.23 4.05
CA ILE B 106 -17.63 -29.03 5.41
C ILE B 106 -17.25 -30.40 5.97
N SER B 107 -16.02 -30.47 6.51
CA SER B 107 -15.43 -31.73 6.96
C SER B 107 -15.28 -31.74 8.48
N ARG B 108 -14.73 -30.65 9.03
CA ARG B 108 -14.51 -30.55 10.47
C ARG B 108 -15.00 -29.20 10.98
N LYS B 109 -15.59 -29.21 12.17
CA LYS B 109 -16.04 -28.01 12.86
C LYS B 109 -15.65 -28.15 14.33
N ARG B 110 -15.15 -27.06 14.92
CA ARG B 110 -14.53 -27.10 16.24
C ARG B 110 -14.50 -25.69 16.83
N GLU B 111 -14.65 -25.61 18.16
CA GLU B 111 -14.61 -24.35 18.86
C GLU B 111 -13.61 -24.43 20.01
N THR B 112 -12.42 -23.85 19.81
CA THR B 112 -11.40 -23.81 20.84
C THR B 112 -11.63 -22.58 21.71
N ARG B 113 -10.77 -22.43 22.74
CA ARG B 113 -10.78 -21.27 23.61
C ARG B 113 -10.24 -20.04 22.86
N THR B 114 -9.35 -20.26 21.88
CA THR B 114 -8.72 -19.17 21.14
C THR B 114 -9.69 -18.65 20.06
N ALA B 115 -10.14 -19.54 19.16
CA ALA B 115 -10.99 -19.13 18.06
C ALA B 115 -11.78 -20.31 17.50
N ARG B 116 -12.80 -20.00 16.70
CA ARG B 116 -13.65 -21.00 16.07
C ARG B 116 -13.01 -21.48 14.78
N GLU B 117 -12.95 -22.82 14.59
CA GLU B 117 -12.24 -23.40 13.46
C GLU B 117 -13.24 -24.10 12.54
N LEU B 118 -13.09 -23.88 11.24
CA LEU B 118 -13.87 -24.59 10.24
C LEU B 118 -12.91 -25.21 9.23
N TYR B 119 -13.19 -26.45 8.84
CA TYR B 119 -12.44 -27.11 7.79
C TYR B 119 -13.40 -27.68 6.75
N ALA B 120 -13.00 -27.58 5.48
CA ALA B 120 -13.82 -28.08 4.39
C ALA B 120 -12.95 -28.53 3.22
N ASN B 121 -13.51 -29.45 2.41
CA ASN B 121 -12.91 -29.87 1.16
C ASN B 121 -13.35 -28.91 0.07
N VAL B 122 -12.38 -28.19 -0.49
CA VAL B 122 -12.61 -27.05 -1.37
C VAL B 122 -12.42 -27.49 -2.82
N VAL B 123 -13.45 -27.33 -3.65
CA VAL B 123 -13.37 -27.75 -5.03
C VAL B 123 -12.74 -26.64 -5.87
N LEU B 124 -11.70 -26.99 -6.64
CA LEU B 124 -10.99 -26.00 -7.46
C LEU B 124 -11.20 -26.27 -8.95
N GLY B 125 -12.16 -27.15 -9.28
CA GLY B 125 -12.46 -27.47 -10.68
C GLY B 125 -11.30 -28.16 -11.36
N SER B 128 -10.45 -31.72 -5.79
CA SER B 128 -10.73 -30.89 -4.59
C SER B 128 -9.44 -30.63 -3.80
N LEU B 129 -9.59 -30.05 -2.61
CA LEU B 129 -8.48 -29.79 -1.71
C LEU B 129 -8.99 -30.04 -0.30
N ASN B 130 -8.41 -31.04 0.38
CA ASN B 130 -9.11 -31.74 1.45
C ASN B 130 -8.77 -31.14 2.82
N ASP B 131 -9.84 -30.81 3.56
CA ASP B 131 -9.73 -30.43 4.96
C ASP B 131 -8.92 -29.15 5.10
N CYS B 132 -9.29 -28.14 4.29
CA CYS B 132 -8.63 -26.85 4.32
C CYS B 132 -9.14 -26.05 5.50
N ARG B 133 -8.25 -25.25 6.09
CA ARG B 133 -8.55 -24.37 7.21
C ARG B 133 -9.26 -23.11 6.71
N ILE B 134 -10.59 -23.07 6.89
CA ILE B 134 -11.41 -21.95 6.43
C ILE B 134 -11.52 -20.90 7.53
N ILE B 135 -11.33 -19.64 7.15
CA ILE B 135 -11.07 -18.57 8.10
C ILE B 135 -12.23 -17.57 8.10
N PHE B 136 -12.90 -17.40 6.96
CA PHE B 136 -14.04 -16.50 6.85
C PHE B 136 -15.30 -17.29 7.19
N VAL B 137 -15.51 -17.46 8.50
CA VAL B 137 -16.40 -18.48 9.03
C VAL B 137 -17.83 -17.96 9.12
N ASP B 138 -18.01 -16.64 9.00
CA ASP B 138 -19.32 -16.01 9.10
C ASP B 138 -19.87 -15.72 7.70
N GLU B 139 -19.01 -15.86 6.68
CA GLU B 139 -19.40 -15.59 5.30
C GLU B 139 -19.52 -16.91 4.54
N VAL B 140 -20.37 -17.80 5.04
CA VAL B 140 -20.61 -19.09 4.41
C VAL B 140 -21.99 -19.06 3.78
N PHE B 141 -22.05 -19.24 2.46
CA PHE B 141 -23.28 -19.02 1.71
C PHE B 141 -23.97 -20.35 1.42
N LYS B 142 -25.29 -20.36 1.62
CA LYS B 142 -26.13 -21.44 1.12
C LYS B 142 -26.15 -21.36 -0.39
N ILE B 143 -25.90 -22.49 -1.05
CA ILE B 143 -25.96 -22.57 -2.51
C ILE B 143 -27.43 -22.66 -2.91
N GLU B 144 -27.88 -21.71 -3.74
CA GLU B 144 -29.27 -21.62 -4.15
C GLU B 144 -29.64 -22.82 -5.02
N ARG B 145 -30.59 -23.61 -4.54
CA ARG B 145 -30.96 -24.89 -5.14
C ARG B 145 -31.80 -24.68 -6.39
N PRO B 146 -31.47 -25.36 -7.52
CA PRO B 146 -32.25 -25.21 -8.75
C PRO B 146 -33.74 -25.42 -8.54
N GLY B 147 -34.55 -24.57 -9.20
CA GLY B 147 -36.00 -24.64 -9.08
C GLY B 147 -36.52 -23.68 -8.02
N GLU B 148 -36.15 -23.94 -6.77
CA GLU B 148 -36.67 -23.18 -5.64
C GLU B 148 -35.92 -21.87 -5.50
N GLY B 149 -36.56 -20.90 -4.83
CA GLY B 149 -36.02 -19.56 -4.66
C GLY B 149 -36.95 -18.52 -5.26
N SER B 150 -36.38 -17.43 -5.76
CA SER B 150 -37.14 -16.38 -6.43
C SER B 150 -36.19 -15.48 -7.22
N PRO B 151 -36.34 -15.34 -8.55
CA PRO B 151 -35.37 -14.60 -9.37
C PRO B 151 -34.93 -13.27 -8.74
N MET B 152 -33.62 -13.00 -8.79
CA MET B 152 -33.06 -11.77 -8.24
C MET B 152 -32.67 -10.85 -9.40
N VAL B 153 -33.47 -9.81 -9.63
CA VAL B 153 -33.18 -8.82 -10.66
C VAL B 153 -33.07 -7.43 -10.02
N ASP B 154 -33.01 -7.39 -8.68
CA ASP B 154 -33.13 -6.14 -7.94
C ASP B 154 -32.50 -6.36 -6.55
N ASN B 155 -32.02 -5.26 -5.94
CA ASN B 155 -31.37 -5.30 -4.63
C ASN B 155 -30.26 -6.36 -4.61
N PRO B 156 -29.33 -6.37 -5.60
CA PRO B 156 -28.36 -7.46 -5.74
C PRO B 156 -27.44 -7.62 -4.52
N MET B 157 -27.14 -8.88 -4.21
CA MET B 157 -26.23 -9.25 -3.13
C MET B 157 -24.78 -9.15 -3.59
N ARG B 158 -23.93 -8.53 -2.75
CA ARG B 158 -22.52 -8.37 -3.06
C ARG B 158 -21.67 -9.12 -2.03
N ARG B 159 -20.46 -9.52 -2.44
CA ARG B 159 -19.54 -10.23 -1.57
C ARG B 159 -18.16 -9.57 -1.67
N LYS B 160 -17.46 -9.51 -0.53
CA LYS B 160 -16.09 -9.04 -0.49
C LYS B 160 -15.19 -10.10 -1.13
N SER B 161 -14.47 -9.73 -2.19
CA SER B 161 -13.61 -10.66 -2.92
C SER B 161 -12.14 -10.35 -2.67
N GLY B 162 -11.28 -11.32 -3.00
CA GLY B 162 -9.87 -11.29 -2.68
C GLY B 162 -9.16 -10.11 -3.32
N PRO B 163 -9.04 -10.06 -4.67
CA PRO B 163 -8.21 -9.06 -5.34
C PRO B 163 -8.85 -7.70 -5.51
N SER B 164 -8.79 -6.87 -4.46
CA SER B 164 -9.15 -5.47 -4.54
C SER B 164 -7.92 -4.62 -4.23
N CYS B 165 -7.91 -3.38 -4.73
CA CYS B 165 -6.85 -2.45 -4.42
C CYS B 165 -7.22 -1.64 -3.18
N LYS B 166 -6.31 -1.60 -2.22
CA LYS B 166 -6.59 -1.05 -0.89
C LYS B 166 -6.76 0.47 -0.95
N HIS B 167 -6.30 1.10 -2.04
CA HIS B 167 -6.21 2.55 -2.13
C HIS B 167 -7.38 3.14 -2.93
N CYS B 168 -7.80 2.47 -4.01
CA CYS B 168 -8.93 2.94 -4.81
C CYS B 168 -10.12 1.99 -4.67
N LYS B 169 -10.02 1.05 -3.72
CA LYS B 169 -10.92 -0.09 -3.67
C LYS B 169 -10.76 -0.73 -5.04
N ASP B 170 -11.84 -0.89 -5.81
CA ASP B 170 -11.68 -1.16 -7.23
C ASP B 170 -12.54 -0.19 -8.01
N ASP B 171 -12.61 1.07 -7.52
CA ASP B 171 -13.63 1.98 -7.98
C ASP B 171 -13.22 2.55 -9.34
N VAL B 172 -14.02 2.25 -10.38
CA VAL B 172 -13.65 2.53 -11.75
C VAL B 172 -13.77 4.03 -12.03
N ASN B 173 -14.46 4.75 -11.13
CA ASN B 173 -14.67 6.19 -11.26
C ASN B 173 -13.63 6.97 -10.46
N ARG B 174 -12.55 6.30 -10.03
CA ARG B 174 -11.42 6.97 -9.41
C ARG B 174 -10.17 6.69 -10.25
N LEU B 175 -9.35 7.73 -10.42
CA LEU B 175 -8.03 7.57 -10.99
C LEU B 175 -7.13 6.93 -9.93
N CYS B 176 -6.13 6.16 -10.37
CA CYS B 176 -5.22 5.51 -9.44
C CYS B 176 -3.92 5.14 -10.13
N ARG B 177 -2.80 5.59 -9.55
CA ARG B 177 -1.47 5.36 -10.11
C ARG B 177 -0.84 4.12 -9.49
N VAL B 178 -1.65 3.24 -8.91
CA VAL B 178 -1.19 1.95 -8.40
C VAL B 178 -1.80 0.85 -9.27
N CYS B 179 -3.14 0.69 -9.16
CA CYS B 179 -3.88 -0.19 -10.05
C CYS B 179 -3.48 0.06 -11.50
N ALA B 180 -3.71 1.30 -11.95
CA ALA B 180 -3.76 1.62 -13.37
C ALA B 180 -2.46 2.31 -13.79
N CYS B 181 -2.50 3.02 -14.93
CA CYS B 181 -1.36 3.74 -15.46
C CYS B 181 -0.75 4.58 -14.35
N HIS B 182 0.58 4.45 -14.21
CA HIS B 182 1.32 5.00 -13.09
C HIS B 182 1.46 6.51 -13.23
N LEU B 183 1.15 7.03 -14.43
CA LEU B 183 1.41 8.43 -14.76
C LEU B 183 0.12 9.24 -14.65
N CYS B 184 -0.91 8.83 -15.40
CA CYS B 184 -2.19 9.54 -15.42
C CYS B 184 -3.18 8.90 -14.44
N GLY B 185 -2.96 7.64 -14.08
CA GLY B 185 -3.87 6.94 -13.18
C GLY B 185 -5.17 6.55 -13.85
N GLY B 186 -5.12 6.36 -15.18
CA GLY B 186 -6.29 6.13 -16.01
C GLY B 186 -6.46 4.65 -16.35
N ARG B 187 -7.71 4.18 -16.37
CA ARG B 187 -8.01 2.77 -16.52
C ARG B 187 -8.45 2.45 -17.96
N GLN B 188 -8.33 3.42 -18.88
CA GLN B 188 -8.85 3.27 -20.22
C GLN B 188 -7.75 2.70 -21.12
N ASP B 189 -8.20 1.96 -22.15
CA ASP B 189 -7.32 1.28 -23.09
C ASP B 189 -6.30 0.42 -22.33
N PRO B 190 -6.75 -0.46 -21.41
CA PRO B 190 -5.83 -1.31 -20.64
C PRO B 190 -5.00 -2.25 -21.51
N ASP B 191 -5.50 -2.56 -22.71
CA ASP B 191 -4.76 -3.34 -23.69
C ASP B 191 -3.49 -2.59 -24.10
N LYS B 192 -3.55 -1.26 -24.09
CA LYS B 192 -2.38 -0.45 -24.45
C LYS B 192 -1.74 0.11 -23.18
N GLN B 193 -1.54 -0.75 -22.18
CA GLN B 193 -0.83 -0.39 -20.96
C GLN B 193 0.23 -1.45 -20.67
N LEU B 194 1.51 -1.09 -20.90
CA LEU B 194 2.64 -1.98 -20.63
C LEU B 194 2.77 -2.20 -19.13
N MET B 195 3.20 -3.43 -18.79
CA MET B 195 3.43 -3.88 -17.43
C MET B 195 4.92 -4.02 -17.20
N CYS B 196 5.50 -3.15 -16.36
CA CYS B 196 6.90 -3.25 -15.99
C CYS B 196 7.18 -4.66 -15.46
N ASP B 197 8.25 -5.31 -15.95
CA ASP B 197 8.53 -6.69 -15.59
C ASP B 197 9.39 -6.75 -14.32
N GLU B 198 9.56 -5.60 -13.64
CA GLU B 198 10.28 -5.52 -12.39
C GLU B 198 9.35 -5.06 -11.27
N CYS B 199 8.76 -3.87 -11.42
CA CYS B 199 7.95 -3.28 -10.37
C CYS B 199 6.46 -3.56 -10.59
N ASP B 200 6.11 -4.14 -11.73
CA ASP B 200 4.74 -4.55 -12.04
C ASP B 200 3.81 -3.33 -12.08
N MET B 201 4.34 -2.18 -12.48
CA MET B 201 3.56 -0.97 -12.64
C MET B 201 3.12 -0.88 -14.10
N ALA B 202 1.95 -0.24 -14.29
CA ALA B 202 1.30 -0.14 -15.59
C ALA B 202 1.59 1.23 -16.20
N PHE B 203 1.71 1.26 -17.54
CA PHE B 203 1.97 2.50 -18.26
C PHE B 203 1.26 2.49 -19.60
N HIS B 204 0.36 3.45 -19.83
CA HIS B 204 -0.12 3.73 -21.19
C HIS B 204 1.08 3.94 -22.11
N ILE B 205 0.99 3.39 -23.32
CA ILE B 205 2.05 3.54 -24.32
C ILE B 205 2.19 5.01 -24.71
N TYR B 206 1.07 5.73 -24.67
CA TYR B 206 1.02 7.11 -25.11
C TYR B 206 1.46 8.06 -23.99
N CYS B 207 1.34 7.62 -22.73
CA CYS B 207 1.74 8.42 -21.59
C CYS B 207 3.25 8.35 -21.37
N LEU B 208 3.91 7.37 -21.99
CA LEU B 208 5.37 7.32 -21.97
C LEU B 208 5.92 8.45 -22.83
N ASP B 209 7.06 9.01 -22.43
CA ASP B 209 7.66 10.12 -23.15
C ASP B 209 9.14 9.83 -23.41
N PRO B 210 9.54 9.38 -24.62
CA PRO B 210 8.65 9.33 -25.79
C PRO B 210 7.63 8.20 -25.76
N PRO B 211 6.45 8.39 -26.37
CA PRO B 211 5.41 7.34 -26.40
C PRO B 211 5.79 6.17 -27.30
N LEU B 212 4.99 5.12 -27.24
CA LEU B 212 5.07 4.03 -28.21
C LEU B 212 3.74 3.97 -28.96
N SER B 213 3.81 3.42 -30.18
CA SER B 213 2.67 3.36 -31.08
C SER B 213 1.86 2.09 -30.85
N SER B 214 2.53 1.03 -30.35
CA SER B 214 1.87 -0.21 -29.99
C SER B 214 2.70 -0.96 -28.96
N VAL B 215 2.17 -2.10 -28.48
CA VAL B 215 2.81 -2.91 -27.46
C VAL B 215 4.04 -3.61 -28.05
N PRO B 216 5.24 -3.48 -27.44
CA PRO B 216 6.44 -4.14 -27.94
C PRO B 216 6.35 -5.67 -28.02
N SER B 217 6.91 -6.22 -29.11
CA SER B 217 7.14 -7.65 -29.24
C SER B 217 8.60 -7.96 -28.89
N GLU B 218 8.88 -7.99 -27.59
CA GLU B 218 10.24 -8.13 -27.07
C GLU B 218 10.25 -9.22 -26.01
N ASP B 219 11.41 -9.42 -25.35
CA ASP B 219 11.54 -10.38 -24.28
C ASP B 219 10.71 -9.91 -23.08
N GLU B 220 11.25 -8.93 -22.33
CA GLU B 220 10.52 -8.28 -21.27
C GLU B 220 10.61 -6.78 -21.49
N TRP B 221 9.98 -6.00 -20.59
CA TRP B 221 10.01 -4.55 -20.66
C TRP B 221 10.12 -3.97 -19.25
N TYR B 222 10.98 -2.97 -19.10
CA TYR B 222 11.16 -2.27 -17.84
C TYR B 222 10.74 -0.82 -18.03
N CYS B 223 10.36 -0.18 -16.92
CA CYS B 223 10.02 1.24 -16.94
C CYS B 223 11.31 2.04 -16.79
N PRO B 224 11.28 3.39 -16.95
CA PRO B 224 12.46 4.23 -16.75
C PRO B 224 13.20 4.03 -15.42
N GLU B 225 12.45 4.09 -14.31
CA GLU B 225 13.00 3.91 -12.98
C GLU B 225 13.82 2.62 -12.93
N CYS B 226 13.29 1.56 -13.54
CA CYS B 226 13.94 0.25 -13.58
C CYS B 226 14.94 0.17 -14.74
N ARG B 227 15.54 1.32 -15.11
CA ARG B 227 16.62 1.38 -16.10
C ARG B 227 16.10 0.94 -17.47
N ASN B 228 15.12 1.67 -18.01
CA ASN B 228 14.66 1.48 -19.38
C ASN B 228 13.75 2.65 -19.78
N VAL C 4 -9.82 21.19 13.31
CA VAL C 4 -9.68 19.72 13.04
C VAL C 4 -8.36 19.47 12.33
N ARG C 5 -7.85 18.24 12.46
CA ARG C 5 -6.50 17.89 12.02
C ARG C 5 -6.33 18.10 10.53
N THR C 6 -5.14 18.55 10.14
CA THR C 6 -4.80 18.87 8.77
C THR C 6 -3.55 18.07 8.38
N LEU C 7 -3.30 17.97 7.08
CA LEU C 7 -2.16 17.26 6.54
C LEU C 7 -0.88 18.01 6.91
N LEU C 8 -0.95 19.35 6.92
CA LEU C 8 0.19 20.19 7.23
C LEU C 8 0.71 19.88 8.64
N SER C 9 -0.22 19.73 9.60
CA SER C 9 0.14 19.45 10.98
C SER C 9 0.83 18.09 11.10
N VAL C 10 0.44 17.15 10.24
CA VAL C 10 1.07 15.84 10.18
C VAL C 10 2.46 15.97 9.58
N LEU C 11 2.55 16.59 8.39
CA LEU C 11 3.80 16.63 7.63
C LEU C 11 4.92 17.28 8.45
N LYS C 12 4.53 18.14 9.41
CA LYS C 12 5.47 18.75 10.34
C LYS C 12 6.03 17.70 11.32
N ASP C 13 5.15 16.89 11.91
CA ASP C 13 5.55 15.92 12.93
C ASP C 13 6.07 14.65 12.25
N PRO C 14 7.40 14.40 12.24
CA PRO C 14 8.00 13.29 11.48
C PRO C 14 7.52 11.93 11.95
N ILE C 15 7.32 11.81 13.27
CA ILE C 15 6.75 10.61 13.86
C ILE C 15 5.34 10.41 13.29
N ALA C 16 4.45 11.38 13.55
CA ALA C 16 3.05 11.27 13.17
C ALA C 16 2.94 10.95 11.69
N LYS C 17 3.79 11.63 10.90
CA LYS C 17 3.88 11.37 9.46
C LYS C 17 4.09 9.88 9.21
N MET C 18 5.09 9.30 9.85
CA MET C 18 5.43 7.90 9.67
C MET C 18 4.28 7.01 10.15
N ARG C 19 3.73 7.34 11.32
CA ARG C 19 2.68 6.57 11.96
C ARG C 19 1.43 6.53 11.09
N ARG C 20 1.16 7.64 10.40
CA ARG C 20 0.05 7.71 9.46
C ARG C 20 0.21 6.63 8.38
N LEU C 21 1.35 6.67 7.69
CA LEU C 21 1.63 5.80 6.57
C LEU C 21 1.30 4.35 6.91
N VAL C 22 1.74 3.91 8.09
CA VAL C 22 1.52 2.54 8.52
C VAL C 22 0.02 2.31 8.70
N ARG C 23 -0.67 3.25 9.37
CA ARG C 23 -2.10 3.11 9.58
C ARG C 23 -2.79 2.95 8.23
N ILE C 24 -2.30 3.71 7.24
CA ILE C 24 -2.87 3.68 5.90
C ILE C 24 -2.59 2.34 5.25
N GLU C 25 -1.32 1.91 5.23
CA GLU C 25 -0.94 0.77 4.42
C GLU C 25 -1.39 -0.54 5.06
N GLN C 26 -1.20 -0.70 6.37
CA GLN C 26 -1.71 -1.86 7.10
C GLN C 26 -3.02 -1.47 7.79
N ARG C 27 -4.13 -1.59 7.07
CA ARG C 27 -5.43 -1.21 7.60
C ARG C 27 -6.35 -2.43 7.63
N GLN C 28 -6.63 -2.99 6.44
CA GLN C 28 -7.52 -4.14 6.32
C GLN C 28 -6.74 -5.41 6.74
N VAL D 4 5.35 -9.80 -23.74
CA VAL D 4 5.40 -8.88 -22.55
C VAL D 4 3.97 -8.54 -22.13
N ARG D 5 3.77 -8.41 -20.82
CA ARG D 5 2.42 -8.34 -20.26
C ARG D 5 1.73 -7.06 -20.71
N THR D 6 0.40 -7.15 -20.85
CA THR D 6 -0.46 -5.98 -20.79
C THR D 6 -1.31 -6.09 -19.53
N LEU D 7 -1.89 -4.97 -19.12
CA LEU D 7 -2.73 -4.90 -17.94
C LEU D 7 -4.02 -5.69 -18.18
N LEU D 8 -4.51 -5.65 -19.42
CA LEU D 8 -5.74 -6.33 -19.78
C LEU D 8 -5.60 -7.83 -19.55
N SER D 9 -4.45 -8.40 -19.94
CA SER D 9 -4.18 -9.81 -19.78
C SER D 9 -4.14 -10.20 -18.31
N VAL D 10 -3.68 -9.28 -17.46
CA VAL D 10 -3.65 -9.47 -16.02
C VAL D 10 -5.07 -9.42 -15.48
N LEU D 11 -5.81 -8.35 -15.80
CA LEU D 11 -7.12 -8.10 -15.22
C LEU D 11 -8.08 -9.26 -15.51
N LYS D 12 -7.82 -9.99 -16.60
CA LYS D 12 -8.56 -11.21 -16.94
C LYS D 12 -8.24 -12.32 -15.94
N ASP D 13 -6.95 -12.57 -15.67
CA ASP D 13 -6.51 -13.67 -14.83
C ASP D 13 -6.63 -13.29 -13.36
N PRO D 14 -7.65 -13.82 -12.63
CA PRO D 14 -7.96 -13.36 -11.27
C PRO D 14 -6.82 -13.63 -10.30
N ILE D 15 -6.13 -14.76 -10.48
CA ILE D 15 -4.94 -15.09 -9.72
C ILE D 15 -3.89 -14.01 -9.96
N ALA D 16 -3.45 -13.89 -11.23
CA ALA D 16 -2.37 -12.99 -11.59
C ALA D 16 -2.67 -11.58 -11.06
N LYS D 17 -3.93 -11.18 -11.24
CA LYS D 17 -4.42 -9.90 -10.74
C LYS D 17 -4.07 -9.75 -9.26
N MET D 18 -4.48 -10.74 -8.46
CA MET D 18 -4.28 -10.70 -7.01
C MET D 18 -2.78 -10.70 -6.69
N ARG D 19 -2.05 -11.57 -7.39
CA ARG D 19 -0.63 -11.77 -7.11
C ARG D 19 0.15 -10.50 -7.42
N ARG D 20 -0.29 -9.76 -8.44
CA ARG D 20 0.31 -8.46 -8.76
C ARG D 20 0.24 -7.54 -7.55
N LEU D 21 -1.00 -7.34 -7.07
CA LEU D 21 -1.27 -6.37 -6.00
C LEU D 21 -0.31 -6.58 -4.84
N VAL D 22 -0.12 -7.84 -4.45
CA VAL D 22 0.74 -8.16 -3.33
C VAL D 22 2.19 -7.81 -3.68
N ARG D 23 2.63 -8.16 -4.89
CA ARG D 23 3.99 -7.85 -5.32
C ARG D 23 4.20 -6.35 -5.20
N ILE D 24 3.17 -5.59 -5.58
CA ILE D 24 3.22 -4.14 -5.56
C ILE D 24 3.30 -3.66 -4.11
N GLU D 25 2.37 -4.11 -3.27
CA GLU D 25 2.34 -3.69 -1.87
C GLU D 25 3.43 -4.44 -1.10
N GLN D 26 4.66 -4.42 -1.61
CA GLN D 26 5.84 -4.97 -0.93
C GLN D 26 7.07 -4.23 -1.42
N ARG D 27 7.83 -3.64 -0.49
CA ARG D 27 8.86 -2.67 -0.84
C ARG D 27 10.27 -3.08 -0.39
N GLN D 28 10.42 -4.22 0.30
CA GLN D 28 11.67 -4.58 0.94
C GLN D 28 12.65 -5.14 -0.11
#